data_4NZG
#
_entry.id   4NZG
#
_cell.length_a   44.659
_cell.length_b   38.440
_cell.length_c   135.275
_cell.angle_alpha   90.00
_cell.angle_beta   91.70
_cell.angle_gamma   90.00
#
_symmetry.space_group_name_H-M   'P 1 21 1'
#
loop_
_entity.id
_entity.type
_entity.pdbx_description
1 polymer 'Integrase p46'
2 non-polymer 'ZINC ION'
3 non-polymer 'ACETATE ION'
4 non-polymer 2,3-DIHYDROXY-1,4-DITHIOBUTANE
5 water water
#
_entity_poly.entity_id   1
_entity_poly.type   'polypeptide(L)'
_entity_poly.pdbx_seq_one_letter_code
;SHTSEHFHYTVTDIKDLTKLGAIYDKTKKYWVYQGKPVMPDQFTFELLDFLHQLTHLSFSKMKALLERSHSPYYMLNRDR
TLKNITETCKACAQVNASKS
;
_entity_poly.pdbx_strand_id   A,B,C,D
#
loop_
_chem_comp.id
_chem_comp.type
_chem_comp.name
_chem_comp.formula
ACT non-polymer 'ACETATE ION' 'C2 H3 O2 -1'
DTT non-polymer 2,3-DIHYDROXY-1,4-DITHIOBUTANE 'C4 H10 O2 S2'
ZN non-polymer 'ZINC ION' 'Zn 2'
#
# COMPACT_ATOMS: atom_id res chain seq x y z
N HIS A 6 -5.42 28.79 -1.34
CA HIS A 6 -4.03 29.21 -1.21
C HIS A 6 -3.50 28.76 0.13
N PHE A 7 -2.27 29.14 0.46
CA PHE A 7 -1.64 28.74 1.71
C PHE A 7 -2.03 29.63 2.89
N HIS A 8 -2.16 29.02 4.06
CA HIS A 8 -2.44 29.75 5.29
C HIS A 8 -1.25 29.62 6.23
N TYR A 9 -0.63 30.76 6.54
CA TYR A 9 0.57 30.76 7.38
C TYR A 9 0.24 31.16 8.81
N THR A 10 0.67 30.34 9.77
CA THR A 10 0.48 30.66 11.18
C THR A 10 1.52 31.67 11.64
N VAL A 11 1.36 32.18 12.85
CA VAL A 11 2.36 33.08 13.43
C VAL A 11 3.69 32.36 13.54
N THR A 12 3.63 31.07 13.86
CA THR A 12 4.84 30.26 13.99
C THR A 12 5.49 30.02 12.62
N ASP A 13 4.66 29.82 11.59
CA ASP A 13 5.17 29.72 10.22
C ASP A 13 5.91 30.99 9.81
N ILE A 14 5.21 32.12 9.94
CA ILE A 14 5.77 33.42 9.60
C ILE A 14 7.05 33.64 10.38
N LYS A 15 7.06 33.21 11.63
CA LYS A 15 8.25 33.27 12.46
C LYS A 15 9.39 32.44 11.89
N ASP A 16 9.13 31.17 11.60
CA ASP A 16 10.13 30.30 10.99
C ASP A 16 10.65 30.88 9.67
N LEU A 17 9.74 31.45 8.90
CA LEU A 17 10.08 31.99 7.58
C LEU A 17 10.98 33.21 7.70
N THR A 18 10.66 34.08 8.65
CA THR A 18 11.49 35.26 8.88
C THR A 18 12.90 34.83 9.30
N LYS A 19 12.99 33.77 10.09
CA LYS A 19 14.30 33.22 10.46
C LYS A 19 15.05 32.68 9.25
N LEU A 20 14.34 32.01 8.35
CA LEU A 20 14.95 31.51 7.13
C LEU A 20 15.33 32.65 6.20
N GLY A 21 14.60 33.75 6.30
CA GLY A 21 14.83 34.88 5.43
C GLY A 21 14.00 34.84 4.17
N ALA A 22 12.89 34.09 4.22
CA ALA A 22 11.97 34.03 3.09
C ALA A 22 11.30 35.38 2.93
N ILE A 23 10.64 35.59 1.79
CA ILE A 23 9.99 36.86 1.52
C ILE A 23 8.55 36.61 1.10
N TYR A 24 7.65 37.46 1.57
CA TYR A 24 6.25 37.32 1.21
C TYR A 24 6.01 37.91 -0.17
N ASP A 25 5.27 37.20 -1.00
CA ASP A 25 4.98 37.69 -2.33
C ASP A 25 3.49 38.01 -2.43
N LYS A 26 3.17 39.29 -2.32
CA LYS A 26 1.78 39.75 -2.37
C LYS A 26 1.17 39.44 -3.73
N THR A 27 2.01 39.49 -4.77
CA THR A 27 1.54 39.29 -6.14
C THR A 27 1.04 37.86 -6.37
N LYS A 28 1.71 36.88 -5.78
CA LYS A 28 1.34 35.48 -5.98
C LYS A 28 0.68 34.84 -4.76
N LYS A 29 0.39 35.65 -3.74
CA LYS A 29 -0.38 35.20 -2.57
C LYS A 29 0.30 34.08 -1.75
N TYR A 30 1.63 34.13 -1.65
CA TYR A 30 2.38 33.22 -0.78
C TYR A 30 3.82 33.68 -0.46
N TRP A 31 4.48 32.96 0.45
CA TRP A 31 5.88 33.19 0.78
C TRP A 31 6.80 32.43 -0.17
N VAL A 32 8.00 32.96 -0.43
CA VAL A 32 8.96 32.31 -1.32
C VAL A 32 10.31 32.11 -0.64
N TYR A 33 10.92 30.95 -0.87
CA TYR A 33 12.23 30.63 -0.30
C TYR A 33 12.97 29.67 -1.21
N GLN A 34 14.24 29.94 -1.44
CA GLN A 34 15.05 29.21 -2.42
C GLN A 34 14.34 29.10 -3.77
N GLY A 35 13.68 30.18 -4.16
CA GLY A 35 12.98 30.27 -5.43
C GLY A 35 11.68 29.49 -5.56
N LYS A 36 11.17 28.96 -4.45
CA LYS A 36 9.95 28.17 -4.46
C LYS A 36 8.89 28.69 -3.49
N PRO A 37 7.62 28.54 -3.86
CA PRO A 37 6.52 28.84 -2.93
C PRO A 37 6.65 27.94 -1.71
N VAL A 38 6.45 28.50 -0.52
CA VAL A 38 6.67 27.76 0.71
C VAL A 38 5.39 27.08 1.20
N MET A 39 5.49 25.79 1.47
CA MET A 39 4.38 25.03 2.01
C MET A 39 4.37 25.17 3.53
N PRO A 40 3.24 25.62 4.09
CA PRO A 40 3.10 25.81 5.54
C PRO A 40 3.35 24.52 6.31
N ASP A 41 3.74 24.65 7.58
CA ASP A 41 4.06 23.51 8.42
C ASP A 41 2.91 22.50 8.54
N GLN A 42 1.69 23.01 8.66
CA GLN A 42 0.53 22.16 8.86
C GLN A 42 0.11 21.48 7.56
N PHE A 43 0.23 22.21 6.45
CA PHE A 43 -0.10 21.64 5.15
C PHE A 43 0.89 20.53 4.81
N THR A 44 2.16 20.76 5.12
CA THR A 44 3.21 19.77 4.90
C THR A 44 2.93 18.50 5.72
N PHE A 45 2.54 18.68 6.98
CA PHE A 45 2.25 17.53 7.84
C PHE A 45 1.10 16.71 7.27
N GLU A 46 0.02 17.38 6.92
CA GLU A 46 -1.18 16.71 6.44
C GLU A 46 -0.90 15.98 5.13
N LEU A 47 0.01 16.52 4.33
CA LEU A 47 0.37 15.89 3.08
C LEU A 47 1.24 14.66 3.30
N LEU A 48 2.32 14.83 4.06
CA LEU A 48 3.26 13.74 4.32
C LEU A 48 2.62 12.60 5.12
N ASP A 49 1.73 12.95 6.05
CA ASP A 49 1.03 11.95 6.85
C ASP A 49 0.12 11.12 5.95
N PHE A 50 -0.56 11.80 5.03
CA PHE A 50 -1.42 11.14 4.06
C PHE A 50 -0.62 10.19 3.17
N LEU A 51 0.54 10.63 2.70
CA LEU A 51 1.35 9.83 1.80
C LEU A 51 1.94 8.60 2.50
N HIS A 52 2.33 8.77 3.76
CA HIS A 52 2.86 7.64 4.52
C HIS A 52 1.79 6.59 4.79
N GLN A 53 0.56 7.02 5.03
CA GLN A 53 -0.51 6.07 5.34
C GLN A 53 -0.78 5.12 4.17
N LEU A 54 -0.54 5.61 2.95
CA LEU A 54 -0.75 4.81 1.75
C LEU A 54 0.44 3.93 1.36
N THR A 55 1.61 4.20 1.92
CA THR A 55 2.82 3.51 1.49
C THR A 55 3.61 2.91 2.65
N HIS A 56 3.56 3.59 3.79
CA HIS A 56 4.34 3.23 4.98
C HIS A 56 5.82 3.05 4.67
N LEU A 57 6.32 3.90 3.77
CA LEU A 57 7.74 3.93 3.49
C LEU A 57 8.48 4.57 4.66
N SER A 58 9.69 4.11 4.91
CA SER A 58 10.49 4.62 6.02
C SER A 58 10.88 6.08 5.79
N PHE A 59 11.50 6.68 6.80
CA PHE A 59 11.97 8.05 6.71
C PHE A 59 12.93 8.24 5.54
N SER A 60 13.93 7.36 5.44
CA SER A 60 14.95 7.48 4.41
C SER A 60 14.38 7.38 3.00
N LYS A 61 13.44 6.46 2.79
CA LYS A 61 12.86 6.26 1.47
C LYS A 61 11.95 7.41 1.06
N MET A 62 11.14 7.90 1.99
CA MET A 62 10.26 9.03 1.72
C MET A 62 11.07 10.30 1.43
N LYS A 63 12.12 10.53 2.20
CA LYS A 63 12.96 11.71 2.03
C LYS A 63 13.60 11.71 0.66
N ALA A 64 14.29 10.62 0.38
CA ALA A 64 15.00 10.45 -0.88
C ALA A 64 14.05 10.53 -2.09
N LEU A 65 12.83 10.00 -1.95
CA LEU A 65 11.84 10.11 -3.03
C LEU A 65 11.35 11.54 -3.23
N LEU A 66 11.14 12.26 -2.13
CA LEU A 66 10.66 13.63 -2.22
C LEU A 66 11.67 14.57 -2.89
N GLU A 67 12.95 14.34 -2.66
CA GLU A 67 13.98 15.16 -3.29
C GLU A 67 14.11 14.90 -4.79
N ARG A 68 13.55 13.79 -5.26
CA ARG A 68 13.54 13.46 -6.68
C ARG A 68 12.20 13.83 -7.33
N SER A 69 11.29 14.39 -6.54
CA SER A 69 9.89 14.54 -6.93
C SER A 69 9.55 15.68 -7.90
N HIS A 70 10.52 16.56 -8.15
CA HIS A 70 10.28 17.79 -8.91
C HIS A 70 9.23 18.60 -8.18
N SER A 71 9.28 18.61 -6.86
CA SER A 71 8.28 19.34 -6.08
C SER A 71 8.50 20.82 -6.30
N PRO A 72 7.41 21.54 -6.63
CA PRO A 72 7.47 22.99 -6.84
C PRO A 72 7.51 23.76 -5.53
N TYR A 73 7.47 23.05 -4.40
CA TYR A 73 7.36 23.70 -3.11
C TYR A 73 8.53 23.46 -2.16
N TYR A 74 8.83 24.46 -1.35
CA TYR A 74 9.71 24.27 -0.20
C TYR A 74 8.82 23.91 0.98
N MET A 75 9.09 22.76 1.61
CA MET A 75 8.25 22.28 2.70
C MET A 75 8.84 22.66 4.05
N LEU A 76 8.14 23.54 4.77
CA LEU A 76 8.62 24.03 6.05
C LEU A 76 8.67 22.90 7.10
N ASN A 77 9.84 22.72 7.70
CA ASN A 77 10.07 21.70 8.72
C ASN A 77 9.78 20.30 8.21
N ARG A 78 10.08 20.05 6.94
CA ARG A 78 9.81 18.77 6.30
C ARG A 78 10.41 17.58 7.04
N ASP A 79 11.73 17.60 7.22
CA ASP A 79 12.45 16.47 7.81
C ASP A 79 11.98 16.17 9.24
N ARG A 80 11.82 17.22 10.03
CA ARG A 80 11.35 17.08 11.40
C ARG A 80 9.95 16.48 11.44
N THR A 81 9.09 16.97 10.54
CA THR A 81 7.73 16.46 10.43
C THR A 81 7.72 15.00 9.97
N LEU A 82 8.55 14.69 8.98
CA LEU A 82 8.65 13.34 8.44
C LEU A 82 9.14 12.33 9.48
N LYS A 83 10.19 12.71 10.21
CA LYS A 83 10.74 11.85 11.26
C LYS A 83 9.69 11.56 12.33
N ASN A 84 8.91 12.57 12.69
CA ASN A 84 7.84 12.39 13.68
C ASN A 84 6.73 11.45 13.17
N ILE A 85 6.38 11.60 11.90
CA ILE A 85 5.33 10.79 11.31
C ILE A 85 5.71 9.31 11.25
N THR A 86 6.92 9.02 10.78
CA THR A 86 7.36 7.64 10.61
C THR A 86 7.66 6.95 11.95
N GLU A 87 8.16 7.71 12.92
CA GLU A 87 8.55 7.14 14.21
C GLU A 87 7.36 6.92 15.16
N THR A 88 6.21 7.51 14.85
CA THR A 88 5.03 7.32 15.68
C THR A 88 3.96 6.50 14.97
N CYS A 89 4.28 6.01 13.77
CA CYS A 89 3.33 5.17 13.05
C CYS A 89 3.18 3.83 13.75
N LYS A 90 1.96 3.52 14.13
CA LYS A 90 1.64 2.30 14.86
C LYS A 90 1.87 1.05 14.01
N ALA A 91 1.35 1.09 12.79
CA ALA A 91 1.47 -0.03 11.85
C ALA A 91 2.94 -0.39 11.58
N CYS A 92 3.77 0.62 11.32
CA CYS A 92 5.19 0.39 11.08
C CYS A 92 5.86 -0.16 12.34
N ALA A 93 5.45 0.32 13.50
CA ALA A 93 5.96 -0.18 14.77
C ALA A 93 5.62 -1.66 14.92
N GLN A 94 4.40 -2.02 14.51
CA GLN A 94 3.94 -3.40 14.56
C GLN A 94 4.74 -4.27 13.58
N VAL A 95 5.05 -3.72 12.41
CA VAL A 95 5.86 -4.42 11.42
C VAL A 95 7.25 -4.78 11.93
N ASN A 96 7.99 -3.82 12.47
CA ASN A 96 9.34 -4.10 12.94
C ASN A 96 9.37 -4.79 14.29
N ALA A 97 8.24 -4.76 15.01
CA ALA A 97 8.10 -5.57 16.21
C ALA A 97 8.32 -7.05 15.86
N SER A 98 8.09 -7.35 14.58
CA SER A 98 8.36 -8.66 14.01
C SER A 98 9.77 -8.71 13.41
N HIS B 6 -8.52 -28.07 -3.17
CA HIS B 6 -7.26 -28.53 -2.60
C HIS B 6 -6.03 -28.08 -3.38
N PHE B 7 -4.87 -28.56 -2.93
CA PHE B 7 -3.58 -28.23 -3.50
C PHE B 7 -3.20 -29.13 -4.69
N HIS B 8 -2.50 -28.57 -5.68
CA HIS B 8 -2.01 -29.36 -6.79
C HIS B 8 -0.49 -29.40 -6.78
N TYR B 9 0.02 -30.62 -6.64
CA TYR B 9 1.45 -30.85 -6.51
C TYR B 9 2.03 -31.32 -7.81
N THR B 10 3.09 -30.65 -8.25
CA THR B 10 3.80 -31.04 -9.45
C THR B 10 4.67 -32.25 -9.13
N VAL B 11 5.26 -32.84 -10.16
CA VAL B 11 6.18 -33.94 -9.96
C VAL B 11 7.36 -33.48 -9.12
N THR B 12 7.79 -32.24 -9.33
CA THR B 12 8.90 -31.66 -8.58
C THR B 12 8.53 -31.38 -7.12
N ASP B 13 7.29 -30.95 -6.88
CA ASP B 13 6.79 -30.82 -5.51
C ASP B 13 6.85 -32.16 -4.81
N ILE B 14 6.25 -33.16 -5.44
CA ILE B 14 6.19 -34.53 -4.91
C ILE B 14 7.60 -35.04 -4.63
N LYS B 15 8.52 -34.69 -5.51
CA LYS B 15 9.92 -35.05 -5.33
C LYS B 15 10.51 -34.45 -4.05
N ASP B 16 10.36 -33.14 -3.89
CA ASP B 16 10.81 -32.44 -2.70
C ASP B 16 10.15 -32.99 -1.42
N LEU B 17 8.87 -33.31 -1.51
CA LEU B 17 8.11 -33.75 -0.34
C LEU B 17 8.53 -35.11 0.19
N THR B 18 8.70 -36.07 -0.71
CA THR B 18 9.13 -37.41 -0.32
C THR B 18 10.53 -37.38 0.31
N LYS B 19 11.39 -36.51 -0.22
CA LYS B 19 12.72 -36.32 0.35
C LYS B 19 12.60 -35.74 1.76
N LEU B 20 11.65 -34.82 1.94
CA LEU B 20 11.38 -34.25 3.26
C LEU B 20 10.79 -35.28 4.21
N GLY B 21 10.09 -36.26 3.66
CA GLY B 21 9.42 -37.27 4.46
C GLY B 21 7.99 -36.89 4.75
N ALA B 22 7.41 -36.01 3.93
CA ALA B 22 6.00 -35.66 4.06
C ALA B 22 5.12 -36.82 3.64
N ILE B 23 3.84 -36.76 4.01
CA ILE B 23 2.90 -37.83 3.70
C ILE B 23 1.60 -37.29 3.11
N TYR B 24 1.08 -37.99 2.10
CA TYR B 24 -0.16 -37.59 1.46
C TYR B 24 -1.33 -38.08 2.32
N ASP B 25 -2.31 -37.21 2.53
CA ASP B 25 -3.47 -37.54 3.35
C ASP B 25 -4.68 -37.62 2.44
N LYS B 26 -5.11 -38.85 2.15
CA LYS B 26 -6.21 -39.08 1.23
C LYS B 26 -7.50 -38.44 1.72
N THR B 27 -7.68 -38.41 3.03
CA THR B 27 -8.88 -37.84 3.63
C THR B 27 -8.96 -36.34 3.40
N LYS B 28 -7.80 -35.66 3.44
CA LYS B 28 -7.78 -34.21 3.33
C LYS B 28 -7.23 -33.70 1.99
N LYS B 29 -6.86 -34.61 1.10
CA LYS B 29 -6.48 -34.27 -0.28
C LYS B 29 -5.29 -33.30 -0.35
N TYR B 30 -4.33 -33.46 0.56
CA TYR B 30 -3.09 -32.70 0.48
C TYR B 30 -1.98 -33.41 1.24
N TRP B 31 -0.75 -32.94 1.05
CA TRP B 31 0.37 -33.53 1.77
C TRP B 31 0.48 -32.87 3.12
N VAL B 32 0.96 -33.62 4.11
CA VAL B 32 1.09 -33.09 5.45
C VAL B 32 2.53 -33.27 5.91
N TYR B 33 3.05 -32.27 6.61
CA TYR B 33 4.41 -32.30 7.11
C TYR B 33 4.56 -31.46 8.37
N GLN B 34 5.23 -32.03 9.37
CA GLN B 34 5.34 -31.42 10.70
C GLN B 34 4.01 -30.92 11.23
N GLY B 35 2.96 -31.71 11.01
CA GLY B 35 1.63 -31.40 11.49
C GLY B 35 0.97 -30.28 10.71
N LYS B 36 1.57 -29.89 9.60
CA LYS B 36 1.02 -28.82 8.78
C LYS B 36 0.84 -29.25 7.32
N PRO B 37 -0.27 -28.82 6.70
CA PRO B 37 -0.47 -29.02 5.27
C PRO B 37 0.56 -28.25 4.47
N VAL B 38 1.13 -28.87 3.43
CA VAL B 38 2.19 -28.20 2.68
C VAL B 38 1.61 -27.45 1.49
N MET B 39 1.99 -26.19 1.37
CA MET B 39 1.61 -25.37 0.23
C MET B 39 2.59 -25.59 -0.90
N PRO B 40 2.09 -25.98 -2.09
CA PRO B 40 2.92 -26.24 -3.28
C PRO B 40 3.75 -25.02 -3.67
N ASP B 41 4.83 -25.25 -4.41
CA ASP B 41 5.73 -24.18 -4.84
C ASP B 41 5.03 -23.08 -5.63
N GLN B 42 4.11 -23.46 -6.50
CA GLN B 42 3.41 -22.50 -7.36
C GLN B 42 2.37 -21.68 -6.59
N PHE B 43 1.64 -22.34 -5.70
CA PHE B 43 0.64 -21.64 -4.90
C PHE B 43 1.34 -20.67 -3.95
N THR B 44 2.47 -21.10 -3.41
CA THR B 44 3.26 -20.26 -2.51
C THR B 44 3.74 -19.01 -3.23
N PHE B 45 4.23 -19.17 -4.45
CA PHE B 45 4.70 -18.04 -5.24
C PHE B 45 3.56 -17.06 -5.50
N GLU B 46 2.43 -17.56 -5.95
CA GLU B 46 1.29 -16.72 -6.30
C GLU B 46 0.75 -15.98 -5.10
N LEU B 47 0.85 -16.61 -3.93
CA LEU B 47 0.38 -16.00 -2.69
C LEU B 47 1.34 -14.92 -2.19
N LEU B 48 2.62 -15.26 -2.08
CA LEU B 48 3.63 -14.34 -1.59
C LEU B 48 3.81 -13.15 -2.54
N ASP B 49 3.70 -13.40 -3.84
CA ASP B 49 3.80 -12.33 -4.82
C ASP B 49 2.63 -11.38 -4.69
N PHE B 50 1.43 -11.92 -4.48
CA PHE B 50 0.23 -11.11 -4.29
C PHE B 50 0.37 -10.21 -3.06
N LEU B 51 0.87 -10.79 -1.97
CA LEU B 51 1.04 -10.06 -0.72
C LEU B 51 2.10 -8.97 -0.82
N HIS B 52 3.15 -9.22 -1.59
CA HIS B 52 4.18 -8.20 -1.76
C HIS B 52 3.66 -7.02 -2.57
N GLN B 53 2.82 -7.29 -3.57
CA GLN B 53 2.29 -6.21 -4.40
C GLN B 53 1.45 -5.24 -3.57
N LEU B 54 0.84 -5.75 -2.51
CA LEU B 54 -0.03 -4.95 -1.67
C LEU B 54 0.73 -4.16 -0.59
N THR B 55 1.96 -4.57 -0.32
CA THR B 55 2.71 -3.99 0.81
C THR B 55 4.11 -3.53 0.43
N HIS B 56 4.72 -4.24 -0.51
CA HIS B 56 6.10 -4.00 -0.92
C HIS B 56 7.05 -3.98 0.26
N LEU B 57 6.78 -4.86 1.22
CA LEU B 57 7.67 -5.05 2.36
C LEU B 57 8.91 -5.79 1.92
N SER B 58 10.05 -5.51 2.54
CA SER B 58 11.30 -6.13 2.17
C SER B 58 11.28 -7.63 2.50
N PHE B 59 12.33 -8.33 2.09
CA PHE B 59 12.45 -9.76 2.36
C PHE B 59 12.39 -10.02 3.86
N SER B 60 13.19 -9.28 4.61
CA SER B 60 13.29 -9.47 6.05
C SER B 60 11.96 -9.21 6.76
N LYS B 61 11.23 -8.19 6.30
CA LYS B 61 9.97 -7.83 6.93
C LYS B 61 8.89 -8.87 6.69
N MET B 62 8.80 -9.32 5.44
CA MET B 62 7.81 -10.34 5.06
C MET B 62 8.11 -11.67 5.76
N LYS B 63 9.39 -12.00 5.82
CA LYS B 63 9.82 -13.24 6.47
C LYS B 63 9.48 -13.23 7.96
N ALA B 64 9.92 -12.20 8.67
CA ALA B 64 9.66 -12.09 10.10
C ALA B 64 8.16 -12.11 10.43
N LEU B 65 7.36 -11.47 9.60
CA LEU B 65 5.91 -11.44 9.79
C LEU B 65 5.27 -12.81 9.58
N LEU B 66 5.72 -13.54 8.56
CA LEU B 66 5.20 -14.87 8.28
C LEU B 66 5.52 -15.83 9.42
N GLU B 67 6.65 -15.63 10.08
CA GLU B 67 7.05 -16.46 11.19
C GLU B 67 6.15 -16.25 12.41
N ARG B 68 5.48 -15.09 12.45
CA ARG B 68 4.57 -14.76 13.54
C ARG B 68 3.09 -14.91 13.13
N SER B 69 2.86 -15.38 11.91
CA SER B 69 1.53 -15.30 11.32
C SER B 69 0.52 -16.36 11.82
N HIS B 70 1.01 -17.37 12.52
CA HIS B 70 0.19 -18.53 12.87
C HIS B 70 -0.39 -19.17 11.63
N SER B 71 0.43 -19.23 10.57
CA SER B 71 -0.02 -19.82 9.33
C SER B 71 -0.15 -21.32 9.55
N PRO B 72 -1.28 -21.89 9.12
CA PRO B 72 -1.49 -23.34 9.24
C PRO B 72 -0.72 -24.12 8.18
N TYR B 73 0.02 -23.43 7.32
CA TYR B 73 0.68 -24.10 6.20
C TYR B 73 2.20 -24.09 6.22
N TYR B 74 2.80 -25.16 5.72
CA TYR B 74 4.23 -25.18 5.43
C TYR B 74 4.41 -24.77 3.97
N MET B 75 5.19 -23.72 3.74
CA MET B 75 5.37 -23.18 2.40
C MET B 75 6.63 -23.71 1.72
N LEU B 76 6.42 -24.50 0.67
CA LEU B 76 7.53 -25.11 -0.06
C LEU B 76 8.38 -24.06 -0.77
N ASN B 77 9.69 -24.10 -0.53
CA ASN B 77 10.65 -23.16 -1.12
C ASN B 77 10.34 -21.70 -0.80
N ARG B 78 9.85 -21.44 0.41
CA ARG B 78 9.45 -20.09 0.81
C ARG B 78 10.53 -19.01 0.67
N ASP B 79 11.67 -19.19 1.35
CA ASP B 79 12.72 -18.16 1.33
C ASP B 79 13.21 -17.89 -0.09
N ARG B 80 13.44 -18.96 -0.84
CA ARG B 80 13.91 -18.86 -2.21
C ARG B 80 12.91 -18.12 -3.08
N THR B 81 11.64 -18.46 -2.95
CA THR B 81 10.59 -17.78 -3.68
C THR B 81 10.47 -16.33 -3.22
N LEU B 82 10.51 -16.11 -1.91
CA LEU B 82 10.42 -14.77 -1.35
C LEU B 82 11.58 -13.84 -1.75
N LYS B 83 12.81 -14.34 -1.66
CA LYS B 83 13.96 -13.52 -2.04
C LYS B 83 13.89 -13.14 -3.52
N ASN B 84 13.45 -14.06 -4.37
CA ASN B 84 13.32 -13.78 -5.79
C ASN B 84 12.26 -12.73 -6.09
N ILE B 85 11.14 -12.79 -5.37
CA ILE B 85 10.04 -11.85 -5.57
C ILE B 85 10.46 -10.42 -5.24
N THR B 86 11.12 -10.26 -4.09
CA THR B 86 11.53 -8.93 -3.64
C THR B 86 12.70 -8.37 -4.45
N GLU B 87 13.59 -9.25 -4.90
CA GLU B 87 14.79 -8.80 -5.61
C GLU B 87 14.52 -8.50 -7.08
N THR B 88 13.35 -8.90 -7.58
CA THR B 88 12.98 -8.61 -8.96
C THR B 88 11.82 -7.63 -9.06
N CYS B 89 11.39 -7.10 -7.93
CA CYS B 89 10.31 -6.13 -7.94
C CYS B 89 10.76 -4.80 -8.55
N LYS B 90 10.05 -4.38 -9.58
CA LYS B 90 10.36 -3.15 -10.29
C LYS B 90 10.09 -1.93 -9.40
N ALA B 91 8.93 -1.91 -8.76
CA ALA B 91 8.53 -0.82 -7.89
C ALA B 91 9.51 -0.61 -6.73
N CYS B 92 9.89 -1.68 -6.06
CA CYS B 92 10.87 -1.57 -4.97
C CYS B 92 12.24 -1.13 -5.49
N ALA B 93 12.62 -1.60 -6.68
CA ALA B 93 13.86 -1.15 -7.29
C ALA B 93 13.83 0.34 -7.58
N GLN B 94 12.67 0.83 -8.03
CA GLN B 94 12.48 2.24 -8.30
C GLN B 94 12.57 3.05 -7.02
N VAL B 95 12.01 2.52 -5.93
CA VAL B 95 12.09 3.15 -4.62
C VAL B 95 13.54 3.28 -4.14
N ASN B 96 14.29 2.17 -4.20
CA ASN B 96 15.66 2.13 -3.69
C ASN B 96 16.66 2.84 -4.60
N ALA B 97 16.25 3.14 -5.84
CA ALA B 97 17.00 3.98 -6.77
C ALA B 97 17.34 5.32 -6.14
N SER B 98 16.63 5.64 -5.07
CA SER B 98 16.91 6.86 -4.32
C SER B 98 18.02 6.67 -3.34
N HIS C 6 16.08 15.55 -19.77
CA HIS C 6 14.81 16.23 -19.96
C HIS C 6 13.84 15.29 -20.69
N PHE C 7 12.73 15.84 -21.14
CA PHE C 7 11.70 15.03 -21.78
C PHE C 7 12.04 14.73 -23.24
N HIS C 8 11.70 13.52 -23.67
CA HIS C 8 11.83 13.12 -25.07
CA HIS C 8 11.83 13.14 -25.07
C HIS C 8 10.45 12.98 -25.69
N TYR C 9 10.15 13.80 -26.70
CA TYR C 9 8.84 13.75 -27.33
C TYR C 9 8.89 12.94 -28.63
N THR C 10 8.00 11.97 -28.73
CA THR C 10 7.86 11.14 -29.93
C THR C 10 7.02 11.84 -30.99
N VAL C 11 6.95 11.22 -32.17
CA VAL C 11 6.10 11.71 -33.26
C VAL C 11 4.65 11.74 -32.80
N THR C 12 4.29 10.72 -32.04
CA THR C 12 2.93 10.57 -31.56
C THR C 12 2.63 11.63 -30.50
N ASP C 13 3.60 11.94 -29.66
CA ASP C 13 3.47 13.04 -28.71
C ASP C 13 3.23 14.36 -29.46
N ILE C 14 4.13 14.67 -30.38
CA ILE C 14 4.01 15.90 -31.13
C ILE C 14 2.69 16.02 -31.89
N LYS C 15 2.22 14.94 -32.50
CA LYS C 15 0.92 14.99 -33.17
C LYS C 15 -0.20 15.24 -32.16
N ASP C 16 -0.23 14.50 -31.05
CA ASP C 16 -1.21 14.79 -30.00
C ASP C 16 -1.14 16.23 -29.51
N LEU C 17 0.09 16.73 -29.34
CA LEU C 17 0.30 18.08 -28.81
C LEU C 17 -0.16 19.16 -29.78
N THR C 18 0.17 18.99 -31.05
CA THR C 18 -0.28 19.93 -32.09
C THR C 18 -1.80 19.93 -32.18
N LYS C 19 -2.39 18.74 -32.04
CA LYS C 19 -3.84 18.60 -32.02
C LYS C 19 -4.47 19.33 -30.83
N LEU C 20 -3.80 19.29 -29.68
CA LEU C 20 -4.27 20.01 -28.50
C LEU C 20 -4.18 21.52 -28.74
N GLY C 21 -3.23 21.91 -29.58
CA GLY C 21 -2.96 23.31 -29.83
C GLY C 21 -1.89 23.79 -28.87
N ALA C 22 -1.14 22.85 -28.31
CA ALA C 22 -0.03 23.20 -27.45
C ALA C 22 1.08 23.86 -28.26
N ILE C 23 2.02 24.49 -27.59
CA ILE C 23 3.10 25.20 -28.28
C ILE C 23 4.47 24.83 -27.73
N TYR C 24 5.43 24.67 -28.63
CA TYR C 24 6.79 24.31 -28.28
C TYR C 24 7.62 25.52 -27.86
N ASP C 25 8.40 25.35 -26.80
CA ASP C 25 9.27 26.41 -26.33
C ASP C 25 10.72 26.03 -26.61
N LYS C 26 11.25 26.61 -27.69
CA LYS C 26 12.59 26.34 -28.16
C LYS C 26 13.66 26.77 -27.15
N THR C 27 13.41 27.87 -26.47
CA THR C 27 14.34 28.41 -25.49
C THR C 27 14.41 27.54 -24.24
N LYS C 28 13.27 26.98 -23.86
CA LYS C 28 13.15 26.23 -22.61
C LYS C 28 13.07 24.72 -22.86
N LYS C 29 13.23 24.33 -24.13
CA LYS C 29 13.43 22.94 -24.59
C LYS C 29 12.32 21.93 -24.23
N TYR C 30 11.06 22.38 -24.21
CA TYR C 30 9.93 21.47 -24.04
C TYR C 30 8.62 22.07 -24.54
N TRP C 31 7.58 21.25 -24.60
CA TRP C 31 6.26 21.72 -25.00
C TRP C 31 5.49 22.27 -23.81
N VAL C 32 4.63 23.24 -24.06
CA VAL C 32 3.83 23.86 -23.01
C VAL C 32 2.34 23.79 -23.35
N TYR C 33 1.52 23.52 -22.36
CA TYR C 33 0.08 23.44 -22.57
C TYR C 33 -0.68 23.79 -21.30
N GLN C 34 -1.70 24.64 -21.45
CA GLN C 34 -2.43 25.21 -20.31
C GLN C 34 -1.49 25.79 -19.27
N GLY C 35 -0.44 26.47 -19.73
CA GLY C 35 0.51 27.12 -18.84
C GLY C 35 1.45 26.13 -18.15
N LYS C 36 1.47 24.88 -18.61
CA LYS C 36 2.31 23.86 -18.00
C LYS C 36 3.23 23.18 -19.01
N PRO C 37 4.47 22.87 -18.58
CA PRO C 37 5.34 22.02 -19.41
C PRO C 37 4.72 20.63 -19.54
N VAL C 38 4.74 20.04 -20.73
CA VAL C 38 4.06 18.78 -20.98
C VAL C 38 4.94 17.55 -20.76
N MET C 39 4.43 16.61 -19.98
CA MET C 39 5.10 15.32 -19.78
C MET C 39 4.71 14.38 -20.89
N PRO C 40 5.70 13.84 -21.62
CA PRO C 40 5.45 12.93 -22.74
C PRO C 40 4.62 11.71 -22.32
N ASP C 41 3.93 11.10 -23.28
CA ASP C 41 3.05 9.96 -23.03
C ASP C 41 3.73 8.80 -22.31
N GLN C 42 4.98 8.51 -22.67
CA GLN C 42 5.69 7.38 -22.08
C GLN C 42 6.16 7.67 -20.66
N PHE C 43 6.62 8.89 -20.45
CA PHE C 43 7.10 9.31 -19.13
CA PHE C 43 7.10 9.31 -19.13
C PHE C 43 5.92 9.33 -18.15
N THR C 44 4.77 9.78 -18.63
CA THR C 44 3.55 9.80 -17.84
C THR C 44 3.13 8.40 -17.41
N PHE C 45 3.20 7.46 -18.35
CA PHE C 45 2.84 6.08 -18.06
C PHE C 45 3.70 5.46 -16.98
N GLU C 46 5.01 5.56 -17.13
CA GLU C 46 5.91 4.91 -16.17
C GLU C 46 5.80 5.55 -14.79
N LEU C 47 5.47 6.83 -14.74
CA LEU C 47 5.28 7.51 -13.47
C LEU C 47 3.99 7.07 -12.80
N LEU C 48 2.88 7.12 -13.55
CA LEU C 48 1.58 6.73 -13.03
C LEU C 48 1.57 5.23 -12.67
N ASP C 49 2.30 4.44 -13.44
CA ASP C 49 2.40 3.01 -13.17
C ASP C 49 3.11 2.77 -11.84
N PHE C 50 4.17 3.53 -11.59
CA PHE C 50 4.91 3.46 -10.33
C PHE C 50 4.01 3.81 -9.15
N LEU C 51 3.20 4.84 -9.31
CA LEU C 51 2.31 5.29 -8.24
C LEU C 51 1.22 4.27 -7.94
N HIS C 52 0.72 3.59 -8.97
CA HIS C 52 -0.27 2.53 -8.74
C HIS C 52 0.31 1.34 -7.99
N GLN C 53 1.55 0.97 -8.31
CA GLN C 53 2.18 -0.19 -7.66
C GLN C 53 2.31 0.06 -6.16
N LEU C 54 2.45 1.33 -5.78
CA LEU C 54 2.63 1.70 -4.38
C LEU C 54 1.30 1.85 -3.65
N THR C 55 0.20 1.98 -4.39
CA THR C 55 -1.09 2.25 -3.76
C THR C 55 -2.23 1.35 -4.22
N HIS C 56 -2.20 0.95 -5.49
CA HIS C 56 -3.27 0.17 -6.11
C HIS C 56 -4.64 0.82 -5.93
N LEU C 57 -4.68 2.14 -6.03
CA LEU C 57 -5.92 2.88 -6.00
C LEU C 57 -6.67 2.69 -7.31
N SER C 58 -8.00 2.71 -7.27
CA SER C 58 -8.80 2.51 -8.48
C SER C 58 -8.64 3.67 -9.46
N PHE C 59 -9.23 3.53 -10.64
CA PHE C 59 -9.19 4.56 -11.66
C PHE C 59 -9.76 5.89 -11.17
N SER C 60 -10.96 5.83 -10.61
CA SER C 60 -11.67 7.02 -10.14
C SER C 60 -10.92 7.75 -9.04
N LYS C 61 -10.34 6.99 -8.12
CA LYS C 61 -9.62 7.59 -6.99
C LYS C 61 -8.31 8.25 -7.40
N MET C 62 -7.54 7.59 -8.27
CA MET C 62 -6.30 8.18 -8.76
C MET C 62 -6.58 9.43 -9.58
N LYS C 63 -7.65 9.40 -10.37
CA LYS C 63 -8.01 10.54 -11.19
C LYS C 63 -8.31 11.76 -10.32
N ALA C 64 -9.23 11.60 -9.37
CA ALA C 64 -9.61 12.67 -8.46
C ALA C 64 -8.43 13.22 -7.66
N LEU C 65 -7.54 12.33 -7.22
CA LEU C 65 -6.37 12.75 -6.46
C LEU C 65 -5.39 13.57 -7.31
N LEU C 66 -5.17 13.14 -8.54
CA LEU C 66 -4.27 13.84 -9.44
C LEU C 66 -4.79 15.22 -9.82
N GLU C 67 -6.11 15.36 -9.93
CA GLU C 67 -6.72 16.64 -10.26
C GLU C 67 -6.58 17.64 -9.09
N ARG C 68 -6.30 17.12 -7.91
CA ARG C 68 -6.09 17.93 -6.72
C ARG C 68 -4.60 18.09 -6.40
N SER C 69 -3.75 17.56 -7.27
CA SER C 69 -2.32 17.36 -6.97
C SER C 69 -1.39 18.58 -7.05
N HIS C 70 -1.85 19.70 -7.61
CA HIS C 70 -0.99 20.86 -7.83
C HIS C 70 0.20 20.49 -8.73
N SER C 71 -0.04 19.66 -9.75
CA SER C 71 1.05 19.20 -10.59
C SER C 71 1.63 20.29 -11.47
N PRO C 72 2.97 20.42 -11.47
CA PRO C 72 3.65 21.42 -12.31
C PRO C 72 3.76 20.97 -13.76
N TYR C 73 3.31 19.75 -14.05
CA TYR C 73 3.40 19.18 -15.38
C TYR C 73 2.02 18.85 -15.94
N TYR C 74 1.86 19.00 -17.25
CA TYR C 74 0.68 18.46 -17.92
C TYR C 74 0.98 17.05 -18.40
N MET C 75 0.15 16.09 -17.98
CA MET C 75 0.38 14.69 -18.32
C MET C 75 -0.42 14.28 -19.54
N LEU C 76 0.29 14.03 -20.64
CA LEU C 76 -0.32 13.67 -21.91
C LEU C 76 -1.04 12.32 -21.85
N ASN C 77 -2.31 12.31 -22.28
CA ASN C 77 -3.14 11.10 -22.30
C ASN C 77 -3.22 10.44 -20.93
N ARG C 78 -3.29 11.27 -19.87
CA ARG C 78 -3.35 10.78 -18.50
C ARG C 78 -4.48 9.79 -18.28
N ASP C 79 -5.70 10.22 -18.58
CA ASP C 79 -6.90 9.43 -18.31
C ASP C 79 -6.89 8.08 -19.01
N ARG C 80 -6.55 8.07 -20.29
CA ARG C 80 -6.49 6.85 -21.08
C ARG C 80 -5.43 5.90 -20.55
N THR C 81 -4.27 6.45 -20.25
CA THR C 81 -3.14 5.69 -19.71
C THR C 81 -3.46 5.13 -18.33
N LEU C 82 -4.10 5.96 -17.51
CA LEU C 82 -4.46 5.59 -16.16
C LEU C 82 -5.41 4.40 -16.17
N LYS C 83 -6.41 4.45 -17.05
CA LYS C 83 -7.37 3.35 -17.21
C LYS C 83 -6.67 2.07 -17.65
N ASN C 84 -5.68 2.19 -18.52
CA ASN C 84 -4.93 1.04 -19.00
C ASN C 84 -4.15 0.40 -17.86
N ILE C 85 -3.59 1.22 -17.00
CA ILE C 85 -2.80 0.74 -15.87
C ILE C 85 -3.66 -0.06 -14.89
N THR C 86 -4.79 0.52 -14.50
CA THR C 86 -5.63 -0.10 -13.47
C THR C 86 -6.35 -1.35 -13.98
N GLU C 87 -6.74 -1.35 -15.25
CA GLU C 87 -7.50 -2.46 -15.80
C GLU C 87 -6.62 -3.64 -16.20
N THR C 88 -5.31 -3.43 -16.24
CA THR C 88 -4.41 -4.53 -16.54
C THR C 88 -3.60 -4.93 -15.31
N CYS C 89 -3.85 -4.28 -14.18
CA CYS C 89 -3.14 -4.62 -12.96
C CYS C 89 -3.61 -5.99 -12.47
N LYS C 90 -2.65 -6.91 -12.34
CA LYS C 90 -2.90 -8.27 -11.91
C LYS C 90 -3.33 -8.35 -10.44
N ALA C 91 -2.61 -7.63 -9.59
CA ALA C 91 -2.88 -7.62 -8.17
C ALA C 91 -4.32 -7.16 -7.90
N CYS C 92 -4.72 -6.07 -8.54
CA CYS C 92 -6.08 -5.57 -8.42
C CYS C 92 -7.07 -6.55 -9.05
N ALA C 93 -6.67 -7.20 -10.13
CA ALA C 93 -7.49 -8.24 -10.76
C ALA C 93 -7.72 -9.39 -9.79
N GLN C 94 -6.68 -9.73 -9.02
CA GLN C 94 -6.78 -10.76 -7.99
C GLN C 94 -7.70 -10.32 -6.87
N VAL C 95 -7.62 -9.04 -6.51
CA VAL C 95 -8.46 -8.48 -5.46
C VAL C 95 -9.96 -8.58 -5.75
N ASN C 96 -10.38 -8.09 -6.91
CA ASN C 96 -11.79 -8.09 -7.28
C ASN C 96 -12.27 -9.46 -7.78
N ALA C 97 -11.34 -10.36 -8.10
CA ALA C 97 -11.65 -11.75 -8.38
C ALA C 97 -12.40 -12.38 -7.21
N SER C 98 -12.26 -11.77 -6.04
CA SER C 98 -12.97 -12.19 -4.84
C SER C 98 -14.32 -11.47 -4.75
N HIS D 6 -1.71 -15.95 25.10
CA HIS D 6 -2.88 -16.65 24.61
C HIS D 6 -4.10 -15.73 24.55
N PHE D 7 -5.27 -16.31 24.25
CA PHE D 7 -6.48 -15.51 24.08
C PHE D 7 -7.15 -15.17 25.40
N HIS D 8 -7.67 -13.94 25.48
CA HIS D 8 -8.47 -13.52 26.62
C HIS D 8 -9.89 -13.16 26.18
N TYR D 9 -10.87 -13.89 26.70
CA TYR D 9 -12.25 -13.66 26.32
C TYR D 9 -12.97 -12.84 27.38
N THR D 10 -13.62 -11.77 26.95
CA THR D 10 -14.43 -10.96 27.85
C THR D 10 -15.77 -11.65 28.08
N VAL D 11 -16.54 -11.13 29.03
CA VAL D 11 -17.88 -11.62 29.28
C VAL D 11 -18.74 -11.41 28.05
N THR D 12 -18.49 -10.30 27.36
CA THR D 12 -19.23 -9.96 26.15
C THR D 12 -18.91 -10.94 25.03
N ASP D 13 -17.65 -11.36 24.95
CA ASP D 13 -17.25 -12.41 24.01
C ASP D 13 -18.00 -13.70 24.31
N ILE D 14 -17.91 -14.15 25.56
CA ILE D 14 -18.57 -15.39 26.01
C ILE D 14 -20.08 -15.35 25.73
N LYS D 15 -20.69 -14.19 25.94
CA LYS D 15 -22.10 -14.00 25.64
C LYS D 15 -22.39 -14.14 24.14
N ASP D 16 -21.62 -13.41 23.33
CA ASP D 16 -21.74 -13.49 21.87
C ASP D 16 -21.54 -14.92 21.35
N LEU D 17 -20.59 -15.62 21.95
CA LEU D 17 -20.24 -16.98 21.52
C LEU D 17 -21.37 -17.97 21.78
N THR D 18 -21.98 -17.87 22.96
CA THR D 18 -23.08 -18.75 23.32
C THR D 18 -24.26 -18.56 22.36
N LYS D 19 -24.50 -17.32 21.95
CA LYS D 19 -25.53 -17.03 20.94
C LYS D 19 -25.20 -17.69 19.62
N LEU D 20 -23.92 -17.67 19.25
CA LEU D 20 -23.46 -18.31 18.02
C LEU D 20 -23.61 -19.82 18.06
N GLY D 21 -23.54 -20.38 19.27
CA GLY D 21 -23.58 -21.82 19.43
C GLY D 21 -22.17 -22.36 19.42
N ALA D 22 -21.22 -21.49 19.72
CA ALA D 22 -19.82 -21.89 19.83
C ALA D 22 -19.67 -22.76 21.08
N ILE D 23 -18.55 -23.45 21.21
CA ILE D 23 -18.37 -24.34 22.35
C ILE D 23 -17.03 -24.07 23.02
N TYR D 24 -17.04 -24.02 24.34
CA TYR D 24 -15.80 -23.81 25.08
C TYR D 24 -15.07 -25.13 25.29
N ASP D 25 -13.76 -25.09 25.10
CA ASP D 25 -12.93 -26.27 25.32
C ASP D 25 -12.07 -26.03 26.55
N LYS D 26 -12.47 -26.58 27.68
CA LYS D 26 -11.76 -26.37 28.94
C LYS D 26 -10.34 -26.93 28.89
N THR D 27 -10.17 -28.02 28.15
CA THR D 27 -8.87 -28.69 28.05
C THR D 27 -7.84 -27.82 27.32
N LYS D 28 -8.28 -27.12 26.28
CA LYS D 28 -7.37 -26.31 25.50
C LYS D 28 -7.61 -24.84 25.82
N LYS D 29 -8.57 -24.61 26.71
CA LYS D 29 -8.84 -23.32 27.35
C LYS D 29 -9.12 -22.17 26.37
N TYR D 30 -9.90 -22.47 25.34
CA TYR D 30 -10.39 -21.45 24.42
C TYR D 30 -11.70 -21.92 23.81
N TRP D 31 -12.41 -21.03 23.12
CA TRP D 31 -13.66 -21.40 22.48
C TRP D 31 -13.43 -21.95 21.08
N VAL D 32 -14.31 -22.84 20.65
CA VAL D 32 -14.20 -23.46 19.33
C VAL D 32 -15.50 -23.25 18.57
N TYR D 33 -15.41 -22.96 17.28
CA TYR D 33 -16.60 -22.75 16.48
C TYR D 33 -16.31 -23.09 15.02
N GLN D 34 -17.22 -23.84 14.41
CA GLN D 34 -17.02 -24.38 13.05
C GLN D 34 -15.68 -25.07 12.92
N GLY D 35 -15.30 -25.82 13.95
CA GLY D 35 -14.06 -26.57 13.94
C GLY D 35 -12.81 -25.71 14.07
N LYS D 36 -12.99 -24.43 14.41
CA LYS D 36 -11.87 -23.53 14.55
C LYS D 36 -11.85 -22.81 15.90
N PRO D 37 -10.65 -22.59 16.45
CA PRO D 37 -10.50 -21.78 17.66
C PRO D 37 -10.94 -20.33 17.42
N VAL D 38 -11.66 -19.77 18.37
CA VAL D 38 -12.23 -18.44 18.19
C VAL D 38 -11.30 -17.36 18.71
N MET D 39 -11.02 -16.37 17.86
CA MET D 39 -10.24 -15.21 18.28
C MET D 39 -11.18 -14.14 18.84
N PRO D 40 -10.89 -13.68 20.06
CA PRO D 40 -11.72 -12.68 20.76
C PRO D 40 -11.94 -11.41 19.94
N ASP D 41 -13.01 -10.69 20.26
CA ASP D 41 -13.40 -9.48 19.54
C ASP D 41 -12.30 -8.43 19.45
N GLN D 42 -11.55 -8.25 20.54
CA GLN D 42 -10.53 -7.21 20.57
C GLN D 42 -9.28 -7.60 19.78
N PHE D 43 -8.91 -8.87 19.85
CA PHE D 43 -7.78 -9.36 19.08
C PHE D 43 -8.10 -9.29 17.59
N THR D 44 -9.34 -9.61 17.26
CA THR D 44 -9.82 -9.53 15.88
C THR D 44 -9.72 -8.10 15.37
N PHE D 45 -10.13 -7.14 16.20
CA PHE D 45 -10.06 -5.74 15.84
C PHE D 45 -8.64 -5.27 15.53
N GLU D 46 -7.72 -5.55 16.45
CA GLU D 46 -6.35 -5.08 16.29
C GLU D 46 -5.64 -5.74 15.12
N LEU D 47 -6.04 -6.97 14.80
CA LEU D 47 -5.45 -7.66 13.66
C LEU D 47 -5.98 -7.08 12.36
N LEU D 48 -7.30 -6.94 12.26
CA LEU D 48 -7.93 -6.41 11.05
C LEU D 48 -7.55 -4.95 10.81
N ASP D 49 -7.42 -4.19 11.89
CA ASP D 49 -7.02 -2.79 11.78
C ASP D 49 -5.60 -2.68 11.26
N PHE D 50 -4.73 -3.58 11.73
CA PHE D 50 -3.35 -3.63 11.26
C PHE D 50 -3.29 -3.90 9.77
N LEU D 51 -4.09 -4.85 9.32
CA LEU D 51 -4.11 -5.25 7.91
C LEU D 51 -4.69 -4.15 7.02
N HIS D 52 -5.67 -3.41 7.52
CA HIS D 52 -6.23 -2.31 6.74
C HIS D 52 -5.21 -1.20 6.57
N GLN D 53 -4.42 -0.94 7.60
CA GLN D 53 -3.40 0.11 7.53
C GLN D 53 -2.34 -0.21 6.49
N LEU D 54 -2.12 -1.49 6.25
CA LEU D 54 -1.11 -1.90 5.27
C LEU D 54 -1.65 -1.91 3.85
N THR D 55 -2.97 -1.89 3.70
CA THR D 55 -3.59 -2.05 2.38
C THR D 55 -4.66 -1.00 2.07
N HIS D 56 -5.38 -0.56 3.08
CA HIS D 56 -6.51 0.37 2.93
C HIS D 56 -7.53 -0.12 1.91
N LEU D 57 -7.75 -1.43 1.90
CA LEU D 57 -8.79 -2.02 1.06
C LEU D 57 -10.17 -1.73 1.64
N SER D 58 -11.16 -1.60 0.78
CA SER D 58 -12.52 -1.28 1.19
C SER D 58 -13.14 -2.42 2.00
N PHE D 59 -14.32 -2.18 2.55
CA PHE D 59 -15.03 -3.19 3.32
C PHE D 59 -15.31 -4.45 2.51
N SER D 60 -15.90 -4.27 1.34
CA SER D 60 -16.28 -5.39 0.49
C SER D 60 -15.08 -6.23 0.06
N LYS D 61 -13.96 -5.58 -0.25
CA LYS D 61 -12.78 -6.33 -0.67
C LYS D 61 -12.08 -7.06 0.46
N MET D 62 -11.97 -6.44 1.63
CA MET D 62 -11.34 -7.10 2.76
C MET D 62 -12.17 -8.31 3.16
N LYS D 63 -13.49 -8.16 3.12
CA LYS D 63 -14.41 -9.22 3.50
C LYS D 63 -14.29 -10.43 2.57
N ALA D 64 -14.41 -10.18 1.27
CA ALA D 64 -14.31 -11.23 0.26
C ALA D 64 -12.97 -11.95 0.33
N LEU D 65 -11.90 -11.21 0.56
CA LEU D 65 -10.56 -11.78 0.68
C LEU D 65 -10.42 -12.67 1.91
N LEU D 66 -10.97 -12.23 3.03
CA LEU D 66 -10.92 -13.00 4.27
C LEU D 66 -11.69 -14.31 4.16
N GLU D 67 -12.77 -14.31 3.40
CA GLU D 67 -13.54 -15.52 3.19
C GLU D 67 -12.82 -16.54 2.32
N ARG D 68 -11.82 -16.08 1.58
CA ARG D 68 -11.07 -17.01 0.76
C ARG D 68 -9.75 -17.38 1.44
N SER D 69 -9.53 -16.81 2.62
CA SER D 69 -8.21 -16.91 3.22
C SER D 69 -7.96 -18.24 3.94
N HIS D 70 -9.02 -18.98 4.25
CA HIS D 70 -8.89 -20.20 5.05
C HIS D 70 -8.16 -19.95 6.37
N SER D 71 -8.55 -18.88 7.07
CA SER D 71 -7.94 -18.52 8.33
C SER D 71 -8.20 -19.62 9.34
N PRO D 72 -7.17 -20.00 10.12
CA PRO D 72 -7.29 -21.09 11.09
C PRO D 72 -8.08 -20.67 12.33
N TYR D 73 -8.48 -19.41 12.38
CA TYR D 73 -9.23 -18.87 13.49
C TYR D 73 -10.58 -18.35 13.01
N TYR D 74 -11.60 -18.48 13.86
CA TYR D 74 -12.86 -17.78 13.62
C TYR D 74 -12.80 -16.42 14.29
N MET D 75 -13.07 -15.38 13.51
CA MET D 75 -12.96 -14.01 13.98
C MET D 75 -14.29 -13.48 14.46
N LEU D 76 -14.39 -13.29 15.77
CA LEU D 76 -15.63 -12.83 16.39
C LEU D 76 -16.01 -11.42 15.96
N ASN D 77 -17.24 -11.27 15.48
CA ASN D 77 -17.77 -9.98 15.03
C ASN D 77 -16.92 -9.37 13.91
N ARG D 78 -16.40 -10.21 13.04
CA ARG D 78 -15.53 -9.76 11.95
C ARG D 78 -16.17 -8.68 11.07
N ASP D 79 -17.34 -8.96 10.50
CA ASP D 79 -17.98 -8.01 9.58
C ASP D 79 -18.28 -6.67 10.23
N ARG D 80 -18.86 -6.70 11.43
CA ARG D 80 -19.17 -5.47 12.15
C ARG D 80 -17.90 -4.67 12.47
N THR D 81 -16.88 -5.37 12.92
CA THR D 81 -15.59 -4.76 13.23
C THR D 81 -14.94 -4.20 11.97
N LEU D 82 -15.02 -4.96 10.89
CA LEU D 82 -14.43 -4.55 9.62
C LEU D 82 -15.08 -3.29 9.06
N LYS D 83 -16.41 -3.22 9.08
CA LYS D 83 -17.11 -2.04 8.60
C LYS D 83 -16.74 -0.81 9.43
N ASN D 84 -16.59 -1.01 10.73
CA ASN D 84 -16.20 0.07 11.63
C ASN D 84 -14.80 0.57 11.32
N ILE D 85 -13.90 -0.35 11.00
CA ILE D 85 -12.52 0.00 10.69
C ILE D 85 -12.46 0.86 9.43
N THR D 86 -13.17 0.44 8.38
CA THR D 86 -13.12 1.14 7.10
C THR D 86 -13.83 2.50 7.13
N GLU D 87 -14.92 2.60 7.90
CA GLU D 87 -15.69 3.85 7.92
C GLU D 87 -15.08 4.91 8.85
N THR D 88 -14.10 4.54 9.65
CA THR D 88 -13.44 5.52 10.51
C THR D 88 -11.99 5.81 10.10
N CYS D 89 -11.54 5.20 9.01
CA CYS D 89 -10.18 5.41 8.52
C CYS D 89 -9.98 6.81 7.94
N LYS D 90 -9.01 7.53 8.48
CA LYS D 90 -8.71 8.88 8.03
C LYS D 90 -8.20 8.92 6.59
N ALA D 91 -7.24 8.07 6.27
CA ALA D 91 -6.66 8.03 4.94
C ALA D 91 -7.70 7.74 3.86
N CYS D 92 -8.55 6.74 4.10
CA CYS D 92 -9.59 6.41 3.14
C CYS D 92 -10.63 7.52 3.01
N ALA D 93 -10.95 8.17 4.13
CA ALA D 93 -11.85 9.31 4.12
C ALA D 93 -11.26 10.47 3.31
N GLN D 94 -9.94 10.64 3.42
CA GLN D 94 -9.24 11.66 2.66
C GLN D 94 -9.26 11.36 1.16
N VAL D 95 -9.14 10.08 0.82
CA VAL D 95 -9.15 9.67 -0.58
C VAL D 95 -10.45 10.03 -1.31
N ASN D 96 -11.61 9.66 -0.76
CA ASN D 96 -12.88 9.93 -1.43
C ASN D 96 -13.34 11.38 -1.28
N ALA D 97 -12.73 12.09 -0.34
CA ALA D 97 -12.95 13.53 -0.18
C ALA D 97 -12.67 14.29 -1.49
N SER D 98 -11.90 13.69 -2.37
CA SER D 98 -11.63 14.25 -3.69
C SER D 98 -12.67 13.79 -4.70
ZN ZN E . 3.78 3.53 8.80
C ACT F . 0.30 16.89 14.47
O ACT F . -0.74 16.19 14.55
OXT ACT F . 0.24 17.88 13.72
CH3 ACT F . 1.56 16.56 15.23
S1 DTT G . -2.48 14.56 -2.79
C1 DTT G . -1.95 13.86 -4.38
C2 DTT G . -1.03 12.67 -4.18
O2 DTT G . 0.13 13.09 -3.48
C3 DTT G . -0.64 12.03 -5.50
O3 DTT G . 0.28 12.87 -6.17
C4 DTT G . 0.00 10.67 -5.30
S4 DTT G . -1.13 9.32 -5.73
S1 DTT H . 7.60 10.13 -7.71
C1 DTT H . 6.48 10.48 -6.32
C2 DTT H . 7.17 11.28 -5.23
O2 DTT H . 8.54 10.93 -5.18
C3 DTT H . 6.50 11.03 -3.87
O3 DTT H . 5.24 11.65 -3.84
C4 DTT H . 6.36 9.54 -3.60
S4 DTT H . 4.90 9.13 -2.61
S1 DTT I . 2.88 14.42 -9.88
C1 DTT I . 4.52 15.14 -9.61
C2 DTT I . 5.52 14.14 -9.04
O2 DTT I . 6.42 14.81 -8.20
C3 DTT I . 6.28 13.43 -10.16
O3 DTT I . 6.37 14.26 -11.29
C4 DTT I . 7.67 13.02 -9.71
S4 DTT I . 8.91 13.20 -11.01
ZN ZN J . 8.00 -4.36 -4.27
C ACT K . 14.82 -4.63 -11.50
O ACT K . 15.21 -4.99 -10.38
OXT ACT K . 13.59 -4.73 -11.72
CH3 ACT K . 15.76 -4.11 -12.55
S1 DTT L . 1.06 -9.97 4.70
C1 DTT L . 1.49 -10.80 6.25
C2 DTT L . 0.40 -11.78 6.70
O2 DTT L . -0.84 -11.35 6.18
C3 DTT L . 0.34 -11.86 8.22
O3 DTT L . 1.62 -11.73 8.77
C4 DTT L . -0.55 -10.77 8.81
S4 DTT L . -0.39 -10.68 10.61
S1 DTT M . -5.71 -14.27 -4.22
C1 DTT M . -4.73 -15.21 -5.42
C2 DTT M . -4.14 -16.47 -4.80
O2 DTT M . -3.11 -16.17 -3.89
C3 DTT M . -3.64 -17.44 -5.86
O3 DTT M . -2.86 -18.45 -5.28
C4 DTT M . -4.84 -18.06 -6.54
S4 DTT M . -5.93 -18.81 -5.29
S1 DTT N . 11.20 5.21 -14.67
C1 DTT N . 12.40 3.87 -14.77
C2 DTT N . 12.57 3.15 -13.44
O2 DTT N . 13.58 3.77 -12.69
C3 DTT N . 12.89 1.68 -13.64
O3 DTT N . 12.48 1.27 -14.91
C4 DTT N . 14.38 1.41 -13.47
S4 DTT N . 14.72 0.26 -12.12
ZN ZN O . -3.41 -2.46 -8.81
S1 DTT P . -0.46 19.35 -2.93
C1 DTT P . 1.23 18.73 -3.14
C2 DTT P . 1.31 17.65 -4.21
O2 DTT P . 0.59 16.51 -3.79
C3 DTT P . 2.75 17.26 -4.52
O3 DTT P . 3.46 18.40 -4.96
C4 DTT P . 3.43 16.65 -3.31
S4 DTT P . 5.19 16.35 -3.57
S1 DTT Q . -13.93 2.59 -7.47
C1 DTT Q . -13.28 1.17 -6.54
C2 DTT Q . -12.77 1.57 -5.14
O2 DTT Q . -11.37 1.53 -5.08
C3 DTT Q . -13.25 0.57 -4.08
O3 DTT Q . -12.40 0.57 -2.95
C4 DTT Q . -14.68 0.79 -3.65
S4 DTT Q . -15.39 -0.78 -3.06
C ACT R . -0.42 -6.91 15.44
O ACT R . -1.59 -6.80 15.83
OXT ACT R . -0.26 -7.42 14.30
CH3 ACT R . 0.75 -6.45 16.27
S1 DTT S . -5.14 -14.49 0.15
C1 DTT S . -4.61 -13.34 1.45
C2 DTT S . -5.73 -12.95 2.39
O2 DTT S . -6.87 -12.58 1.64
C3 DTT S . -5.33 -11.81 3.32
O3 DTT S . -4.45 -12.30 4.30
C4 DTT S . -4.68 -10.68 2.55
S4 DTT S . -5.20 -9.03 3.10
ZN ZN T . -8.04 3.12 5.12
#